data_4OG6
#
_entry.id   4OG6
#
_cell.length_a   48.568
_cell.length_b   79.865
_cell.length_c   124.464
_cell.angle_alpha   90.00
_cell.angle_beta   90.00
_cell.angle_gamma   90.00
#
_symmetry.space_group_name_H-M   'P 21 21 21'
#
loop_
_entity.id
_entity.type
_entity.pdbx_description
1 polymer Menin
2 non-polymer 'SULFATE ION'
3 non-polymer 4-(3-{4-[(R)-cyclopentyl(3-fluorophenyl)hydroxymethyl]piperidin-1-yl}propoxy)benzonitrile
4 non-polymer 'TETRAETHYLENE GLYCOL'
5 non-polymer DI(HYDROXYETHYL)ETHER
6 non-polymer 'DIMETHYL SULFOXIDE'
7 water water
#
_entity_poly.entity_id   1
_entity_poly.type   'polypeptide(L)'
_entity_poly.pdbx_seq_one_letter_code
;GGSSSMGLKAAQKTLFPLRSIDDVVRLFAAELGREEPDLVLLSLVLGFVEHFLAVNRVGLTYFPVADLSIIAALYARFTA
QIRGAVDLSLYPREGGVSSRELVKKVSDVIWNSLSRSYFKDRAHIQSLFSFITGTKLDSSGVAFAVVGACQALGLRDVHL
ALSEDHAWVVFGPNGEQTAEVTWHGKGNEDRRGQTVNAGVAERSWLYLKGSYMRCDRKMEVAFMVCAINPSIDLHTDSLE
LLQLQQKLLWLLYDLGHLERYPMALGNLADLEELEPTPGRPDPLTLYHKGIASAKTYYRDEHIYPYMYLAGYHCRNRNVR
EALQAWADTATVIQDYNYCREDEEIYKEFFEVANDVIPNLLKEAASLLEAGSQGSALQDPECFAHLLRFYDGICKWEEGS
PTPVLHVGWATFLVQSLGRFEGQVRQKVRIVSVPAPTASPPPEGPVLTFQSEKMKGMKELLVATKINSSAIKLQLTAQSQ
VQMKKQKVS
;
_entity_poly.pdbx_strand_id   A
#
# COMPACT_ATOMS: atom_id res chain seq x y z
N GLY A 7 27.60 -8.23 13.01
CA GLY A 7 29.02 -8.07 13.45
C GLY A 7 29.87 -7.22 12.56
N LEU A 8 29.96 -7.56 11.26
CA LEU A 8 29.43 -8.85 10.70
C LEU A 8 30.15 -10.03 11.32
N LYS A 9 29.41 -11.12 11.45
CA LYS A 9 29.89 -12.28 12.09
C LYS A 9 30.37 -13.23 11.03
N ALA A 10 31.33 -14.09 11.40
CA ALA A 10 31.94 -14.98 10.45
C ALA A 10 30.90 -15.73 9.65
N ALA A 11 29.88 -16.25 10.31
CA ALA A 11 28.82 -17.03 9.61
C ALA A 11 28.00 -16.28 8.58
N GLN A 12 27.92 -14.96 8.72
CA GLN A 12 27.24 -14.11 7.78
C GLN A 12 28.04 -13.87 6.52
N LYS A 13 29.32 -14.20 6.56
CA LYS A 13 30.25 -13.83 5.48
C LYS A 13 30.52 -14.98 4.50
N THR A 14 30.15 -16.23 4.87
CA THR A 14 30.56 -17.43 4.13
C THR A 14 29.99 -17.57 2.71
N LEU A 15 28.79 -17.02 2.44
CA LEU A 15 28.23 -17.13 1.07
C LEU A 15 28.83 -16.16 0.05
N PHE A 16 29.56 -15.16 0.51
CA PHE A 16 30.12 -14.20 -0.43
C PHE A 16 31.27 -14.82 -1.19
N PRO A 17 31.48 -14.42 -2.44
CA PRO A 17 30.73 -13.36 -3.13
C PRO A 17 29.38 -13.82 -3.67
N LEU A 18 28.43 -12.89 -3.78
CA LEU A 18 27.13 -13.22 -4.36
C LEU A 18 27.17 -13.02 -5.84
N ARG A 19 27.03 -14.08 -6.60
CA ARG A 19 27.30 -14.00 -8.02
C ARG A 19 26.07 -14.08 -8.87
N SER A 20 24.91 -14.22 -8.23
CA SER A 20 23.66 -14.43 -8.94
C SER A 20 22.46 -14.15 -8.07
N ILE A 21 21.30 -14.10 -8.72
CA ILE A 21 20.03 -13.95 -8.01
C ILE A 21 19.91 -15.03 -6.97
N ASP A 22 20.17 -16.27 -7.38
CA ASP A 22 20.00 -17.35 -6.44
C ASP A 22 20.96 -17.22 -5.26
N ASP A 23 22.17 -16.70 -5.46
CA ASP A 23 23.08 -16.45 -4.31
C ASP A 23 22.52 -15.43 -3.31
N VAL A 24 21.90 -14.39 -3.81
CA VAL A 24 21.22 -13.42 -2.96
C VAL A 24 20.08 -14.12 -2.18
N VAL A 25 19.27 -14.95 -2.87
CA VAL A 25 18.22 -15.74 -2.19
C VAL A 25 18.81 -16.59 -1.10
N ARG A 26 19.95 -17.21 -1.38
CA ARG A 26 20.66 -18.00 -0.38
C ARG A 26 20.97 -17.18 0.87
N LEU A 27 21.50 -15.98 0.68
CA LEU A 27 21.83 -15.12 1.79
C LEU A 27 20.60 -14.78 2.62
N PHE A 28 19.51 -14.45 1.94
CA PHE A 28 18.26 -14.17 2.65
C PHE A 28 17.79 -15.36 3.44
N ALA A 29 17.88 -16.56 2.88
CA ALA A 29 17.47 -17.77 3.57
C ALA A 29 18.32 -17.96 4.80
N ALA A 30 19.63 -17.68 4.71
CA ALA A 30 20.51 -17.93 5.82
C ALA A 30 20.20 -16.93 6.97
N GLU A 31 20.06 -15.67 6.59
CA GLU A 31 19.69 -14.65 7.58
C GLU A 31 18.31 -14.89 8.24
N LEU A 32 17.35 -15.38 7.45
CA LEU A 32 16.04 -15.64 8.01
C LEU A 32 16.03 -16.86 8.94
N GLY A 33 17.04 -17.71 8.83
CA GLY A 33 17.24 -18.84 9.74
C GLY A 33 18.01 -18.46 10.99
N ARG A 34 18.54 -17.23 11.07
CA ARG A 34 19.21 -16.78 12.27
C ARG A 34 18.24 -16.24 13.31
N GLU A 35 18.75 -16.23 14.53
CA GLU A 35 18.13 -15.55 15.67
C GLU A 35 17.37 -14.31 15.21
N GLU A 36 18.10 -13.40 14.59
CA GLU A 36 17.63 -12.14 14.06
C GLU A 36 18.29 -11.91 12.69
N PRO A 37 17.49 -11.82 11.62
CA PRO A 37 18.09 -11.43 10.36
C PRO A 37 18.68 -10.03 10.42
N ASP A 38 19.83 -9.85 9.79
CA ASP A 38 20.56 -8.59 9.86
C ASP A 38 20.01 -7.65 8.81
N LEU A 39 19.15 -6.70 9.24
CA LEU A 39 18.52 -5.75 8.34
C LEU A 39 19.48 -4.88 7.56
N VAL A 40 20.55 -4.50 8.20
CA VAL A 40 21.53 -3.61 7.58
C VAL A 40 22.25 -4.35 6.46
N LEU A 41 22.72 -5.57 6.73
CA LEU A 41 23.36 -6.38 5.69
C LEU A 41 22.41 -6.55 4.50
N LEU A 42 21.18 -6.96 4.80
CA LEU A 42 20.25 -7.31 3.71
C LEU A 42 19.87 -6.10 2.87
N SER A 43 19.65 -4.97 3.50
CA SER A 43 19.27 -3.77 2.76
C SER A 43 20.45 -3.28 1.91
N LEU A 44 21.64 -3.33 2.46
CA LEU A 44 22.83 -2.94 1.69
C LEU A 44 23.01 -3.83 0.45
N VAL A 45 22.84 -5.14 0.60
CA VAL A 45 22.92 -6.07 -0.53
C VAL A 45 21.84 -5.74 -1.56
N LEU A 46 20.55 -5.57 -1.16
CA LEU A 46 19.53 -5.29 -2.16
C LEU A 46 19.79 -3.98 -2.85
N GLY A 47 20.21 -2.97 -2.07
CA GLY A 47 20.47 -1.68 -2.69
C GLY A 47 21.65 -1.67 -3.67
N PHE A 48 22.67 -2.44 -3.32
CA PHE A 48 23.80 -2.65 -4.23
C PHE A 48 23.35 -3.30 -5.52
N VAL A 49 22.65 -4.40 -5.40
CA VAL A 49 22.25 -5.08 -6.62
C VAL A 49 21.23 -4.25 -7.42
N GLU A 50 20.30 -3.55 -6.74
CA GLU A 50 19.38 -2.69 -7.45
C GLU A 50 20.07 -1.50 -8.15
N HIS A 51 21.11 -1.00 -7.50
CA HIS A 51 21.88 0.07 -8.12
C HIS A 51 22.44 -0.35 -9.50
N PHE A 52 23.09 -1.51 -9.48
CA PHE A 52 23.75 -2.02 -10.69
C PHE A 52 22.88 -2.78 -11.64
N LEU A 53 21.63 -3.05 -11.28
CA LEU A 53 20.67 -3.58 -12.23
C LEU A 53 19.66 -2.60 -12.75
N ALA A 54 19.40 -1.49 -12.05
CA ALA A 54 18.38 -0.53 -12.44
C ALA A 54 18.86 0.89 -12.59
N VAL A 55 19.83 1.30 -11.78
CA VAL A 55 20.28 2.68 -11.81
C VAL A 55 21.38 2.88 -12.83
N ASN A 56 22.39 2.00 -12.82
CA ASN A 56 23.53 2.07 -13.73
C ASN A 56 23.89 0.64 -14.19
N ARG A 57 23.43 0.26 -15.38
CA ARG A 57 23.70 -1.07 -15.93
C ARG A 57 24.96 -1.09 -16.83
N VAL A 58 25.73 -0.01 -16.80
CA VAL A 58 26.91 0.02 -17.67
C VAL A 58 27.83 -1.12 -17.30
N GLY A 59 28.23 -1.89 -18.30
CA GLY A 59 29.16 -2.99 -18.09
C GLY A 59 28.53 -4.23 -17.52
N LEU A 60 27.23 -4.22 -17.28
CA LEU A 60 26.58 -5.40 -16.81
C LEU A 60 26.69 -6.50 -17.87
N THR A 61 27.02 -7.71 -17.43
CA THR A 61 27.01 -8.85 -18.31
C THR A 61 26.13 -10.00 -17.85
N TYR A 62 25.79 -10.05 -16.58
CA TYR A 62 24.89 -11.09 -16.06
C TYR A 62 24.30 -10.64 -14.74
N PHE A 63 25.17 -10.47 -13.74
CA PHE A 63 24.73 -10.10 -12.41
C PHE A 63 25.85 -9.30 -11.78
N PRO A 64 25.53 -8.23 -11.05
CA PRO A 64 26.59 -7.44 -10.40
C PRO A 64 27.14 -8.19 -9.18
N VAL A 65 28.31 -8.76 -9.27
CA VAL A 65 28.85 -9.59 -8.20
C VAL A 65 29.02 -8.69 -6.96
N ALA A 66 28.44 -9.16 -5.84
CA ALA A 66 28.60 -8.51 -4.54
C ALA A 66 29.74 -9.18 -3.77
N ASP A 67 30.89 -8.52 -3.76
CA ASP A 67 32.06 -8.99 -3.04
C ASP A 67 31.93 -8.61 -1.58
N LEU A 68 32.41 -9.48 -0.71
CA LEU A 68 32.41 -9.20 0.71
C LEU A 68 33.13 -7.91 1.04
N SER A 69 34.28 -7.64 0.41
CA SER A 69 35.02 -6.43 0.79
C SER A 69 34.16 -5.19 0.56
N ILE A 70 33.42 -5.15 -0.55
CA ILE A 70 32.57 -4.03 -0.87
C ILE A 70 31.39 -3.88 0.12
N ILE A 71 30.67 -4.98 0.34
CA ILE A 71 29.54 -4.95 1.24
C ILE A 71 29.94 -4.69 2.69
N ALA A 72 31.05 -5.30 3.10
CA ALA A 72 31.54 -5.10 4.46
C ALA A 72 31.96 -3.63 4.65
N ALA A 73 32.54 -2.99 3.65
CA ALA A 73 32.94 -1.59 3.81
C ALA A 73 31.70 -0.64 3.89
N LEU A 74 30.64 -0.94 3.11
CA LEU A 74 29.39 -0.19 3.23
C LEU A 74 28.81 -0.38 4.63
N TYR A 75 28.82 -1.63 5.12
CA TYR A 75 28.28 -1.95 6.43
C TYR A 75 28.99 -1.24 7.52
N ALA A 76 30.33 -1.19 7.40
CA ALA A 76 31.16 -0.42 8.30
C ALA A 76 30.91 1.07 8.28
N ARG A 77 30.65 1.62 7.10
CA ARG A 77 30.24 3.01 6.98
C ARG A 77 28.98 3.30 7.78
N PHE A 78 27.98 2.41 7.67
CA PHE A 78 26.74 2.58 8.38
C PHE A 78 26.90 2.44 9.90
N THR A 79 27.54 1.38 10.33
CA THR A 79 27.65 1.14 11.76
C THR A 79 28.52 2.22 12.43
N ALA A 80 29.57 2.68 11.73
CA ALA A 80 30.43 3.78 12.27
C ALA A 80 29.62 5.06 12.44
N GLN A 81 28.81 5.39 11.44
CA GLN A 81 27.98 6.60 11.47
C GLN A 81 27.01 6.52 12.67
N ILE A 82 26.36 5.38 12.88
CA ILE A 82 25.34 5.29 13.93
C ILE A 82 25.97 5.20 15.29
N ARG A 83 26.97 4.37 15.48
CA ARG A 83 27.64 4.26 16.77
C ARG A 83 28.34 5.52 17.22
N GLY A 84 28.94 6.22 16.29
CA GLY A 84 29.58 7.47 16.61
C GLY A 84 28.64 8.57 17.07
N ALA A 85 27.45 8.58 16.51
CA ALA A 85 26.51 9.67 16.70
C ALA A 85 25.53 9.39 17.81
N VAL A 86 25.20 8.12 18.06
CA VAL A 86 24.29 7.74 19.15
C VAL A 86 25.12 7.10 20.31
N ASP A 87 25.28 7.83 21.39
CA ASP A 87 25.92 7.30 22.57
C ASP A 87 24.87 6.70 23.50
N LEU A 88 24.77 5.36 23.51
CA LEU A 88 23.79 4.66 24.33
C LEU A 88 23.88 4.92 25.82
N SER A 89 25.06 5.33 26.34
CA SER A 89 25.21 5.56 27.77
C SER A 89 24.37 6.72 28.23
N LEU A 90 23.99 7.59 27.28
CA LEU A 90 23.16 8.74 27.59
C LEU A 90 21.71 8.36 27.78
N TYR A 91 21.36 7.14 27.37
CA TYR A 91 19.96 6.65 27.30
C TYR A 91 19.83 5.25 27.87
N PRO A 92 19.96 5.14 29.19
CA PRO A 92 19.89 3.84 29.90
C PRO A 92 18.66 3.02 29.51
N ARG A 93 18.81 1.71 29.34
CA ARG A 93 17.66 0.85 29.04
C ARG A 93 17.19 0.03 30.24
N GLU A 94 16.08 0.38 30.87
CA GLU A 94 15.55 -0.52 31.89
C GLU A 94 14.52 -1.46 31.27
N GLY A 95 14.53 -2.72 31.71
CA GLY A 95 13.65 -3.76 31.18
C GLY A 95 14.12 -4.31 29.84
N GLY A 96 15.31 -3.90 29.42
CA GLY A 96 15.79 -4.19 28.08
C GLY A 96 14.89 -3.59 27.01
N VAL A 97 14.27 -2.44 27.32
CA VAL A 97 13.51 -1.72 26.30
C VAL A 97 13.98 -0.27 26.20
N SER A 98 13.71 0.30 25.03
CA SER A 98 14.25 1.55 24.65
C SER A 98 13.36 2.66 25.11
N SER A 99 13.91 3.84 25.20
CA SER A 99 13.15 5.03 25.61
C SER A 99 12.77 5.87 24.40
N ARG A 100 11.76 6.72 24.56
CA ARG A 100 11.38 7.63 23.51
C ARG A 100 12.52 8.55 23.09
N GLU A 101 13.31 9.00 24.07
CA GLU A 101 14.42 9.94 23.76
C GLU A 101 15.46 9.21 22.88
N LEU A 102 15.72 7.96 23.17
CA LEU A 102 16.67 7.17 22.35
C LEU A 102 16.16 7.00 20.95
N VAL A 103 14.90 6.63 20.79
CA VAL A 103 14.32 6.52 19.46
C VAL A 103 14.39 7.82 18.69
N LYS A 104 14.05 8.90 19.34
CA LYS A 104 14.15 10.21 18.69
C LYS A 104 15.56 10.55 18.31
N LYS A 105 16.51 10.24 19.16
CA LYS A 105 17.93 10.49 18.80
C LYS A 105 18.33 9.74 17.54
N VAL A 106 17.98 8.48 17.43
CA VAL A 106 18.31 7.70 16.21
C VAL A 106 17.63 8.33 15.01
N SER A 107 16.36 8.67 15.12
CA SER A 107 15.68 9.37 14.07
C SER A 107 16.39 10.66 13.62
N ASP A 108 16.78 11.47 14.60
CA ASP A 108 17.50 12.68 14.31
C ASP A 108 18.79 12.41 13.53
N VAL A 109 19.52 11.41 13.97
CA VAL A 109 20.79 11.04 13.32
C VAL A 109 20.57 10.69 11.87
N ILE A 110 19.57 9.88 11.57
CA ILE A 110 19.28 9.55 10.20
C ILE A 110 18.87 10.78 9.41
N TRP A 111 17.92 11.51 9.97
CA TRP A 111 17.41 12.73 9.33
C TRP A 111 18.50 13.70 9.00
N ASN A 112 19.36 13.97 9.97
CA ASN A 112 20.38 15.01 9.85
C ASN A 112 21.46 14.61 8.87
N SER A 113 21.54 13.33 8.53
CA SER A 113 22.52 12.81 7.56
C SER A 113 22.09 13.02 6.10
N LEU A 114 20.81 13.32 5.87
CA LEU A 114 20.30 13.38 4.54
C LEU A 114 20.68 14.67 3.81
N SER A 115 20.87 14.59 2.50
CA SER A 115 21.08 15.75 1.65
C SER A 115 20.01 16.78 1.94
N ARG A 116 20.40 18.05 1.92
CA ARG A 116 19.46 19.10 2.26
C ARG A 116 18.34 19.29 1.24
N SER A 117 18.60 18.99 -0.03
CA SER A 117 17.61 19.19 -1.10
C SER A 117 17.69 18.02 -2.06
N TYR A 118 16.59 17.32 -2.26
CA TYR A 118 16.47 16.28 -3.31
C TYR A 118 15.01 15.94 -3.58
N PHE A 119 14.74 15.25 -4.68
CA PHE A 119 13.35 14.85 -5.02
C PHE A 119 13.05 13.61 -4.21
N LYS A 120 12.08 13.74 -3.31
CA LYS A 120 11.82 12.73 -2.28
C LYS A 120 11.10 11.50 -2.74
N ASP A 121 10.54 11.52 -3.94
CA ASP A 121 9.75 10.42 -4.47
C ASP A 121 10.44 9.92 -5.75
N ARG A 122 11.75 10.09 -5.80
CA ARG A 122 12.52 9.42 -6.83
C ARG A 122 12.50 7.90 -6.54
N ALA A 123 12.73 7.08 -7.57
CA ALA A 123 13.01 5.69 -7.41
C ALA A 123 14.44 5.44 -6.86
N HIS A 124 14.60 4.27 -6.24
CA HIS A 124 15.85 3.73 -5.84
C HIS A 124 16.50 4.48 -4.69
N ILE A 125 15.72 5.19 -3.88
CA ILE A 125 16.26 5.87 -2.69
C ILE A 125 15.72 5.26 -1.40
N GLN A 126 15.27 4.01 -1.50
CA GLN A 126 14.66 3.31 -0.35
C GLN A 126 15.58 2.57 0.59
N SER A 127 16.78 2.21 0.15
CA SER A 127 17.68 1.30 0.88
C SER A 127 18.81 1.93 1.60
N LEU A 128 19.47 1.18 2.46
CA LEU A 128 20.63 1.69 3.11
C LEU A 128 21.78 1.96 2.14
N PHE A 129 21.78 1.31 0.97
CA PHE A 129 22.79 1.64 -0.04
C PHE A 129 22.61 3.06 -0.46
N SER A 130 21.37 3.49 -0.67
CA SER A 130 21.11 4.89 -1.05
C SER A 130 21.49 5.84 0.08
N PHE A 131 21.19 5.49 1.32
CA PHE A 131 21.50 6.35 2.45
C PHE A 131 23.00 6.58 2.53
N ILE A 132 23.78 5.53 2.32
CA ILE A 132 25.27 5.62 2.50
C ILE A 132 25.92 6.28 1.31
N THR A 133 25.56 5.86 0.10
CA THR A 133 26.24 6.36 -1.12
C THR A 133 25.68 7.67 -1.67
N GLY A 134 24.42 7.96 -1.41
CA GLY A 134 23.75 9.14 -1.93
C GLY A 134 23.23 10.09 -0.88
N THR A 135 23.31 9.72 0.41
CA THR A 135 22.67 10.49 1.49
C THR A 135 21.23 10.89 1.17
N LYS A 136 20.50 9.96 0.58
CA LYS A 136 19.12 10.18 0.17
C LYS A 136 18.27 9.00 0.61
N LEU A 137 17.11 9.31 1.20
CA LEU A 137 16.09 8.31 1.47
C LEU A 137 14.71 8.82 1.20
N ASP A 138 13.80 7.94 0.82
CA ASP A 138 12.34 8.29 0.73
C ASP A 138 11.71 8.20 2.11
N SER A 139 10.43 8.59 2.23
CA SER A 139 9.81 8.70 3.52
C SER A 139 9.88 7.43 4.35
N SER A 140 9.36 6.35 3.77
CA SER A 140 9.38 5.08 4.50
C SER A 140 10.77 4.52 4.66
N GLY A 141 11.67 4.90 3.75
CA GLY A 141 13.07 4.53 3.87
C GLY A 141 13.74 5.07 5.12
N VAL A 142 13.38 6.27 5.53
CA VAL A 142 13.85 6.81 6.78
C VAL A 142 13.41 5.92 7.95
N ALA A 143 12.14 5.54 7.97
CA ALA A 143 11.67 4.68 9.10
C ALA A 143 12.40 3.35 9.13
N PHE A 144 12.58 2.75 7.94
CA PHE A 144 13.34 1.53 7.88
C PHE A 144 14.76 1.66 8.35
N ALA A 145 15.40 2.77 7.96
CA ALA A 145 16.75 3.03 8.41
C ALA A 145 16.86 3.24 9.92
N VAL A 146 15.86 3.89 10.51
CA VAL A 146 15.83 3.97 11.97
C VAL A 146 15.78 2.59 12.62
N VAL A 147 14.93 1.73 12.12
CA VAL A 147 14.84 0.36 12.65
C VAL A 147 16.16 -0.41 12.45
N GLY A 148 16.79 -0.27 11.29
CA GLY A 148 18.08 -0.91 11.06
C GLY A 148 19.15 -0.43 11.98
N ALA A 149 19.18 0.88 12.19
CA ALA A 149 20.14 1.48 13.10
C ALA A 149 19.93 0.97 14.52
N CYS A 150 18.65 0.94 14.93
CA CYS A 150 18.33 0.41 16.24
C CYS A 150 18.74 -1.03 16.44
N GLN A 151 18.54 -1.86 15.44
CA GLN A 151 19.01 -3.24 15.52
C GLN A 151 20.54 -3.29 15.67
N ALA A 152 21.21 -2.50 14.89
CA ALA A 152 22.67 -2.41 14.93
C ALA A 152 23.15 -2.03 16.34
N LEU A 153 22.41 -1.15 17.02
CA LEU A 153 22.74 -0.70 18.37
C LEU A 153 22.34 -1.70 19.44
N GLY A 154 21.67 -2.80 19.07
CA GLY A 154 21.20 -3.82 20.06
C GLY A 154 19.81 -3.65 20.65
N LEU A 155 19.01 -2.77 20.04
CA LEU A 155 17.74 -2.38 20.56
C LEU A 155 16.61 -3.26 19.99
N ARG A 156 16.51 -4.46 20.56
CA ARG A 156 15.67 -5.53 20.00
C ARG A 156 14.20 -5.20 19.99
N ASP A 157 13.78 -4.23 20.82
CA ASP A 157 12.39 -3.86 20.95
C ASP A 157 11.89 -2.87 19.88
N VAL A 158 12.77 -2.27 19.10
CA VAL A 158 12.35 -1.26 18.15
C VAL A 158 11.99 -1.90 16.81
N HIS A 159 10.75 -1.68 16.38
CA HIS A 159 10.24 -2.36 15.18
C HIS A 159 9.47 -1.41 14.29
N LEU A 160 9.43 -1.74 13.02
CA LEU A 160 8.73 -0.96 12.01
C LEU A 160 7.24 -1.14 12.15
N ALA A 161 6.52 -0.03 12.05
CA ALA A 161 5.07 -0.02 11.97
C ALA A 161 4.70 0.53 10.62
N LEU A 162 3.67 -0.08 10.01
CA LEU A 162 3.30 0.28 8.63
C LEU A 162 1.80 0.39 8.54
N SER A 163 1.33 1.52 8.05
CA SER A 163 -0.03 1.56 7.54
C SER A 163 0.03 1.46 6.04
N GLU A 164 -1.10 1.60 5.32
CA GLU A 164 -1.07 1.57 3.88
C GLU A 164 -0.43 2.76 3.17
N ASP A 165 -0.01 3.80 3.90
CA ASP A 165 0.59 4.97 3.27
C ASP A 165 1.62 5.64 4.15
N HIS A 166 2.00 5.06 5.29
CA HIS A 166 2.97 5.70 6.15
C HIS A 166 3.68 4.64 7.02
N ALA A 167 4.79 5.02 7.63
CA ALA A 167 5.63 4.17 8.41
C ALA A 167 6.11 4.93 9.63
N TRP A 168 6.24 4.20 10.73
CA TRP A 168 6.76 4.79 11.99
C TRP A 168 7.30 3.59 12.77
N VAL A 169 7.73 3.78 14.00
CA VAL A 169 8.13 2.68 14.84
C VAL A 169 7.31 2.40 16.10
N VAL A 170 7.41 1.15 16.52
CA VAL A 170 6.94 0.73 17.83
C VAL A 170 8.13 0.29 18.67
N PHE A 171 7.99 0.45 19.99
CA PHE A 171 9.08 0.15 20.90
C PHE A 171 8.59 0.12 22.32
N GLY A 172 9.49 -0.14 23.23
CA GLY A 172 9.22 0.13 24.62
C GLY A 172 8.60 -1.07 25.33
N PRO A 173 8.08 -0.85 26.53
CA PRO A 173 7.49 -1.94 27.34
C PRO A 173 6.37 -2.61 26.55
N ASN A 174 6.48 -3.94 26.39
CA ASN A 174 5.53 -4.74 25.56
C ASN A 174 5.38 -4.31 24.12
N GLY A 175 6.34 -3.57 23.60
CA GLY A 175 6.23 -2.95 22.33
C GLY A 175 5.03 -2.08 22.11
N GLU A 176 4.56 -1.45 23.18
CA GLU A 176 3.30 -0.74 23.16
C GLU A 176 3.42 0.75 22.77
N GLN A 177 4.62 1.34 22.79
CA GLN A 177 4.76 2.72 22.42
C GLN A 177 4.88 2.87 20.94
N THR A 178 4.43 4.03 20.44
CA THR A 178 4.59 4.42 19.07
C THR A 178 5.39 5.73 18.99
N ALA A 179 6.20 5.83 17.93
CA ALA A 179 6.86 7.09 17.65
C ALA A 179 6.96 7.38 16.17
N GLU A 180 6.62 8.58 15.78
CA GLU A 180 6.89 9.10 14.44
C GLU A 180 8.38 9.23 14.31
N VAL A 181 8.91 8.81 13.16
CA VAL A 181 10.37 8.96 12.89
C VAL A 181 10.64 9.66 11.58
N THR A 182 9.66 9.86 10.72
CA THR A 182 9.80 10.27 9.35
C THR A 182 8.69 11.24 9.00
N TRP A 183 8.74 11.83 7.83
CA TRP A 183 7.70 12.70 7.36
C TRP A 183 6.62 11.95 6.65
N HIS A 184 5.47 12.61 6.43
CA HIS A 184 4.46 12.01 5.61
C HIS A 184 3.97 13.02 4.61
N GLY A 185 3.90 12.65 3.36
CA GLY A 185 3.34 13.52 2.32
C GLY A 185 4.27 14.68 2.05
N LYS A 186 3.68 15.76 1.58
CA LYS A 186 4.38 16.92 1.07
C LYS A 186 3.70 18.06 1.75
N GLY A 187 4.43 18.78 2.58
CA GLY A 187 3.91 20.01 3.19
C GLY A 187 3.04 19.79 4.41
N ASN A 188 2.97 18.54 4.88
CA ASN A 188 2.47 18.26 6.22
C ASN A 188 3.64 18.44 7.17
N GLU A 189 3.42 19.08 8.31
CA GLU A 189 4.53 19.34 9.24
C GLU A 189 4.82 18.08 10.06
N ASP A 190 6.11 17.90 10.36
CA ASP A 190 6.62 16.78 11.16
C ASP A 190 5.84 16.60 12.44
N ARG A 191 5.68 15.34 12.84
CA ARG A 191 5.27 15.02 14.24
C ARG A 191 6.33 14.06 14.80
N ARG A 192 7.59 14.19 14.35
CA ARG A 192 8.60 13.23 14.70
C ARG A 192 8.68 13.27 16.24
N GLY A 193 8.79 12.06 16.79
CA GLY A 193 8.92 11.89 18.21
C GLY A 193 7.62 11.65 18.90
N GLN A 194 6.49 12.07 18.29
CA GLN A 194 5.17 11.92 18.91
C GLN A 194 4.58 10.55 18.65
N THR A 195 3.57 10.22 19.43
CA THR A 195 2.78 9.00 19.21
C THR A 195 1.90 9.15 17.99
N VAL A 196 1.29 8.04 17.60
CA VAL A 196 0.26 8.08 16.55
C VAL A 196 -1.15 8.04 17.11
N ASN A 197 -1.31 8.24 18.41
CA ASN A 197 -2.64 8.13 19.01
C ASN A 197 -3.69 9.09 18.57
N ALA A 198 -3.35 10.33 18.28
CA ALA A 198 -4.35 11.30 17.76
C ALA A 198 -4.89 10.83 16.42
N GLY A 199 -4.00 10.33 15.57
CA GLY A 199 -4.40 9.83 14.26
C GLY A 199 -5.28 8.59 14.33
N VAL A 200 -4.95 7.69 15.28
CA VAL A 200 -5.79 6.54 15.51
C VAL A 200 -7.17 7.00 16.04
N ALA A 201 -7.17 7.90 17.02
CA ALA A 201 -8.40 8.35 17.60
C ALA A 201 -9.29 9.08 16.59
N GLU A 202 -8.71 9.74 15.61
CA GLU A 202 -9.57 10.47 14.65
C GLU A 202 -10.13 9.57 13.54
N ARG A 203 -9.74 8.30 13.55
CA ARG A 203 -10.27 7.34 12.59
C ARG A 203 -9.90 7.67 11.15
N SER A 204 -8.72 8.25 10.95
CA SER A 204 -8.19 8.43 9.61
C SER A 204 -7.76 7.14 8.98
N TRP A 205 -7.81 7.14 7.66
CA TRP A 205 -7.24 5.99 6.94
C TRP A 205 -5.75 5.86 7.18
N LEU A 206 -5.06 6.99 7.35
CA LEU A 206 -3.61 6.93 7.47
C LEU A 206 -3.12 6.05 8.61
N TYR A 207 -3.89 6.03 9.73
CA TYR A 207 -3.52 5.19 10.88
C TYR A 207 -4.39 3.97 11.10
N LEU A 208 -5.28 3.71 10.13
CA LEU A 208 -6.02 2.46 10.06
C LEU A 208 -6.82 2.10 11.32
N LYS A 209 -7.26 3.12 12.05
CA LYS A 209 -7.99 2.88 13.30
C LYS A 209 -7.20 2.01 14.25
N GLY A 210 -5.89 2.01 14.11
CA GLY A 210 -5.07 1.21 14.99
C GLY A 210 -4.75 -0.16 14.41
N SER A 211 -5.37 -0.52 13.29
CA SER A 211 -5.17 -1.86 12.67
C SER A 211 -4.06 -1.62 11.60
N TYR A 212 -2.86 -1.46 12.08
CA TYR A 212 -1.68 -1.16 11.26
C TYR A 212 -0.78 -2.34 11.57
N MET A 213 0.21 -2.56 10.73
CA MET A 213 1.13 -3.65 10.92
C MET A 213 2.17 -3.28 11.98
N ARG A 214 2.41 -4.19 12.91
CA ARG A 214 3.50 -4.15 13.85
C ARG A 214 4.46 -5.24 13.47
N CYS A 215 5.52 -4.86 12.79
CA CYS A 215 6.46 -5.86 12.23
C CYS A 215 7.29 -6.55 13.28
N ASP A 216 7.55 -7.83 13.06
CA ASP A 216 8.71 -8.47 13.68
C ASP A 216 9.90 -8.36 12.70
N ARG A 217 11.04 -8.93 13.09
CA ARG A 217 12.25 -8.83 12.27
C ARG A 217 12.06 -9.42 10.88
N LYS A 218 11.26 -10.49 10.80
CA LYS A 218 11.03 -11.16 9.51
C LYS A 218 10.14 -10.37 8.58
N MET A 219 9.16 -9.71 9.15
CA MET A 219 8.30 -8.81 8.42
C MET A 219 9.06 -7.57 7.93
N GLU A 220 10.07 -7.14 8.68
CA GLU A 220 10.89 -6.03 8.21
C GLU A 220 11.70 -6.49 7.00
N VAL A 221 12.16 -7.74 6.99
CA VAL A 221 12.76 -8.28 5.78
C VAL A 221 11.79 -8.26 4.64
N ALA A 222 10.56 -8.69 4.91
CA ALA A 222 9.57 -8.67 3.86
C ALA A 222 9.36 -7.27 3.31
N PHE A 223 9.35 -6.25 4.22
CA PHE A 223 9.19 -4.85 3.77
C PHE A 223 10.32 -4.45 2.76
N MET A 224 11.56 -4.75 3.10
CA MET A 224 12.64 -4.35 2.20
C MET A 224 12.57 -5.06 0.88
N VAL A 225 12.06 -6.28 0.89
CA VAL A 225 11.78 -6.99 -0.36
C VAL A 225 10.68 -6.36 -1.19
N CYS A 226 9.58 -6.02 -0.55
CA CYS A 226 8.55 -5.27 -1.26
C CYS A 226 9.05 -3.92 -1.77
N ALA A 227 10.01 -3.33 -1.05
CA ALA A 227 10.60 -2.09 -1.43
C ALA A 227 11.53 -2.11 -2.63
N ILE A 228 11.99 -3.30 -3.05
CA ILE A 228 12.76 -3.38 -4.26
C ILE A 228 11.97 -2.71 -5.38
N ASN A 229 12.69 -1.99 -6.22
CA ASN A 229 12.11 -1.26 -7.34
C ASN A 229 12.82 -1.64 -8.61
N PRO A 230 12.15 -2.56 -9.36
CA PRO A 230 12.76 -3.02 -10.61
C PRO A 230 12.78 -1.99 -11.73
N SER A 231 12.14 -0.82 -11.57
CA SER A 231 12.07 0.14 -12.66
C SER A 231 13.38 0.70 -13.11
N ILE A 232 13.65 0.59 -14.41
CA ILE A 232 14.84 1.20 -14.99
C ILE A 232 14.43 2.57 -15.51
N ASP A 233 13.29 2.62 -16.19
CA ASP A 233 12.68 3.87 -16.66
C ASP A 233 11.18 3.63 -16.81
N LEU A 234 10.48 4.62 -17.37
CA LEU A 234 9.00 4.57 -17.41
C LEU A 234 8.51 3.37 -18.26
N HIS A 235 9.34 2.96 -19.21
CA HIS A 235 8.96 1.90 -20.17
C HIS A 235 9.53 0.52 -19.82
N THR A 236 10.46 0.44 -18.87
CA THR A 236 11.37 -0.68 -18.78
C THR A 236 11.63 -1.09 -17.35
N ASP A 237 11.36 -2.36 -17.04
CA ASP A 237 11.75 -2.97 -15.77
C ASP A 237 12.90 -3.94 -15.94
N SER A 238 13.74 -4.05 -14.91
CA SER A 238 14.80 -5.02 -14.85
C SER A 238 14.17 -6.40 -14.60
N LEU A 239 14.34 -7.29 -15.56
CA LEU A 239 13.86 -8.67 -15.39
C LEU A 239 14.59 -9.32 -14.23
N GLU A 240 15.85 -9.00 -14.04
CA GLU A 240 16.68 -9.58 -12.98
C GLU A 240 16.10 -9.21 -11.62
N LEU A 241 15.74 -7.94 -11.43
CA LEU A 241 15.17 -7.50 -10.15
C LEU A 241 13.76 -8.05 -9.95
N LEU A 242 12.97 -8.14 -11.00
CA LEU A 242 11.65 -8.77 -10.91
C LEU A 242 11.79 -10.19 -10.38
N GLN A 243 12.71 -10.93 -10.98
CA GLN A 243 12.95 -12.34 -10.60
C GLN A 243 13.43 -12.40 -9.18
N LEU A 244 14.37 -11.54 -8.79
CA LEU A 244 14.82 -11.54 -7.42
C LEU A 244 13.76 -11.24 -6.41
N GLN A 245 12.94 -10.21 -6.69
CA GLN A 245 11.87 -9.86 -5.77
C GLN A 245 10.88 -11.01 -5.59
N GLN A 246 10.56 -11.63 -6.72
CA GLN A 246 9.57 -12.71 -6.79
C GLN A 246 10.12 -13.89 -5.99
N LYS A 247 11.34 -14.27 -6.24
CA LYS A 247 11.94 -15.39 -5.48
C LYS A 247 12.04 -15.12 -4.00
N LEU A 248 12.40 -13.91 -3.63
CA LEU A 248 12.49 -13.54 -2.22
C LEU A 248 11.09 -13.54 -1.55
N LEU A 249 10.10 -13.06 -2.24
CA LEU A 249 8.74 -13.13 -1.71
C LEU A 249 8.28 -14.58 -1.56
N TRP A 250 8.63 -15.50 -2.49
CA TRP A 250 8.24 -16.88 -2.29
C TRP A 250 8.96 -17.50 -1.09
N LEU A 251 10.23 -17.14 -0.90
CA LEU A 251 10.96 -17.60 0.29
C LEU A 251 10.27 -17.20 1.56
N LEU A 252 9.95 -15.91 1.64
CA LEU A 252 9.23 -15.39 2.76
C LEU A 252 7.91 -16.11 2.92
N TYR A 253 7.14 -16.24 1.85
CA TYR A 253 5.85 -16.93 1.89
C TYR A 253 5.97 -18.34 2.49
N ASP A 254 6.98 -19.08 2.01
CA ASP A 254 7.15 -20.45 2.43
C ASP A 254 7.53 -20.55 3.88
N LEU A 255 8.23 -19.54 4.38
CA LEU A 255 8.61 -19.55 5.78
C LEU A 255 7.54 -18.99 6.70
N GLY A 256 6.40 -18.53 6.18
CA GLY A 256 5.29 -18.03 6.95
C GLY A 256 5.31 -16.55 7.22
N HIS A 257 6.28 -15.84 6.65
CA HIS A 257 6.49 -14.43 7.04
C HIS A 257 5.62 -13.45 6.26
N LEU A 258 4.79 -13.92 5.34
CA LEU A 258 3.78 -13.08 4.68
C LEU A 258 2.38 -13.23 5.27
N GLU A 259 2.27 -14.10 6.28
CA GLU A 259 1.00 -14.41 6.89
C GLU A 259 0.20 -13.18 7.30
N ARG A 260 0.91 -12.21 7.89
CA ARG A 260 0.32 -10.98 8.41
C ARG A 260 0.70 -9.78 7.54
N TYR A 261 0.92 -9.99 6.25
CA TYR A 261 1.40 -8.91 5.39
C TYR A 261 0.58 -8.87 4.09
N PRO A 262 -0.64 -8.35 4.17
CA PRO A 262 -1.48 -8.27 2.98
C PRO A 262 -0.85 -7.66 1.74
N MET A 263 -0.19 -6.51 1.87
N MET A 263 -0.20 -6.50 1.86
CA MET A 263 0.35 -5.85 0.69
CA MET A 263 0.34 -5.81 0.67
C MET A 263 1.42 -6.69 -0.03
C MET A 263 1.47 -6.62 -0.02
N ALA A 264 2.22 -7.41 0.74
CA ALA A 264 3.22 -8.28 0.16
C ALA A 264 2.62 -9.38 -0.68
N LEU A 265 1.50 -9.93 -0.20
CA LEU A 265 0.77 -10.97 -0.96
C LEU A 265 0.20 -10.37 -2.26
N GLY A 266 -0.26 -9.11 -2.22
CA GLY A 266 -0.70 -8.43 -3.44
C GLY A 266 0.44 -8.23 -4.40
N ASN A 267 1.59 -7.76 -3.90
CA ASN A 267 2.79 -7.60 -4.75
C ASN A 267 3.18 -8.91 -5.38
N LEU A 268 3.16 -10.00 -4.61
CA LEU A 268 3.56 -11.29 -5.15
C LEU A 268 2.55 -11.74 -6.21
N ALA A 269 1.26 -11.51 -5.99
CA ALA A 269 0.24 -11.83 -6.98
C ALA A 269 0.50 -11.06 -8.29
N ASP A 270 0.79 -9.74 -8.19
CA ASP A 270 1.05 -8.97 -9.37
C ASP A 270 2.28 -9.54 -10.13
N LEU A 271 3.30 -10.00 -9.40
CA LEU A 271 4.52 -10.50 -10.01
C LEU A 271 4.22 -11.84 -10.69
N GLU A 272 3.37 -12.66 -10.07
CA GLU A 272 2.95 -13.89 -10.69
C GLU A 272 2.07 -13.69 -11.95
N GLU A 273 1.28 -12.61 -11.97
CA GLU A 273 0.48 -12.30 -13.17
C GLU A 273 1.42 -12.03 -14.33
N LEU A 274 2.46 -11.24 -14.02
CA LEU A 274 3.44 -10.89 -15.04
C LEU A 274 4.21 -12.11 -15.55
N GLU A 275 4.62 -13.01 -14.64
CA GLU A 275 5.46 -14.13 -14.99
C GLU A 275 5.22 -15.29 -14.00
N PRO A 276 4.30 -16.19 -14.35
CA PRO A 276 3.89 -17.19 -13.37
C PRO A 276 4.99 -18.20 -13.07
N THR A 277 5.18 -18.53 -11.81
CA THR A 277 6.08 -19.59 -11.40
C THR A 277 5.37 -20.94 -11.45
N PRO A 278 5.85 -21.93 -12.26
CA PRO A 278 5.15 -23.22 -12.26
C PRO A 278 5.04 -23.85 -10.87
N GLY A 279 3.88 -24.37 -10.57
CA GLY A 279 3.66 -25.07 -9.32
C GLY A 279 3.20 -24.19 -8.19
N ARG A 280 3.07 -22.91 -8.47
CA ARG A 280 2.64 -21.98 -7.42
C ARG A 280 1.15 -21.60 -7.60
N PRO A 281 0.50 -21.09 -6.53
CA PRO A 281 -0.84 -20.57 -6.55
C PRO A 281 -1.03 -19.50 -7.60
N ASP A 282 -2.20 -19.45 -8.23
CA ASP A 282 -2.48 -18.41 -9.21
C ASP A 282 -2.60 -17.03 -8.56
N PRO A 283 -2.44 -15.96 -9.33
CA PRO A 283 -2.62 -14.66 -8.77
C PRO A 283 -3.91 -14.48 -8.01
N LEU A 284 -5.03 -14.94 -8.53
CA LEU A 284 -6.30 -14.78 -7.81
C LEU A 284 -6.24 -15.41 -6.43
N THR A 285 -5.69 -16.63 -6.31
CA THR A 285 -5.52 -17.24 -4.99
C THR A 285 -4.71 -16.35 -4.02
N LEU A 286 -3.68 -15.71 -4.56
CA LEU A 286 -2.82 -14.87 -3.77
C LEU A 286 -3.50 -13.56 -3.37
N TYR A 287 -4.27 -12.96 -4.29
CA TYR A 287 -5.00 -11.74 -3.88
C TYR A 287 -6.01 -12.10 -2.78
N HIS A 288 -6.69 -13.24 -2.92
CA HIS A 288 -7.61 -13.67 -1.89
C HIS A 288 -6.92 -14.00 -0.57
N LYS A 289 -5.68 -14.48 -0.59
CA LYS A 289 -4.92 -14.70 0.62
C LYS A 289 -4.60 -13.36 1.30
N GLY A 290 -4.33 -12.37 0.47
CA GLY A 290 -4.12 -11.03 0.99
C GLY A 290 -5.31 -10.45 1.71
N ILE A 291 -6.48 -10.62 1.09
CA ILE A 291 -7.72 -10.19 1.71
C ILE A 291 -8.00 -11.00 3.00
N ALA A 292 -7.75 -12.30 2.97
CA ALA A 292 -7.95 -13.13 4.19
C ALA A 292 -6.99 -12.72 5.30
N SER A 293 -5.76 -12.33 4.93
CA SER A 293 -4.80 -11.86 5.93
C SER A 293 -5.34 -10.56 6.56
N ALA A 294 -5.87 -9.64 5.76
CA ALA A 294 -6.42 -8.41 6.31
C ALA A 294 -7.64 -8.67 7.23
N LYS A 295 -8.51 -9.59 6.82
CA LYS A 295 -9.68 -9.98 7.65
C LYS A 295 -9.24 -10.62 8.97
N THR A 296 -8.19 -11.44 8.90
CA THR A 296 -7.75 -12.22 10.07
C THR A 296 -7.01 -11.39 11.11
N TYR A 297 -6.09 -10.54 10.64
CA TYR A 297 -5.17 -9.85 11.53
C TYR A 297 -5.47 -8.37 11.73
N TYR A 298 -6.22 -7.75 10.80
CA TYR A 298 -6.37 -6.30 10.78
C TYR A 298 -7.81 -5.87 10.65
N ARG A 299 -8.71 -6.70 11.17
CA ARG A 299 -10.15 -6.35 11.31
C ARG A 299 -10.79 -6.01 9.98
N ASP A 300 -10.23 -6.50 8.86
CA ASP A 300 -10.74 -6.11 7.54
C ASP A 300 -10.83 -4.57 7.38
N GLU A 301 -9.79 -3.87 7.83
N GLU A 301 -9.79 -3.87 7.85
CA GLU A 301 -9.78 -2.41 7.81
CA GLU A 301 -9.73 -2.41 7.88
C GLU A 301 -8.74 -1.86 6.81
C GLU A 301 -8.80 -1.86 6.77
N HIS A 302 -8.23 -2.74 5.95
CA HIS A 302 -7.33 -2.32 4.85
C HIS A 302 -8.03 -2.19 3.52
N ILE A 303 -7.63 -1.18 2.75
CA ILE A 303 -8.23 -0.97 1.43
C ILE A 303 -7.49 -1.66 0.28
N TYR A 304 -6.16 -1.69 0.33
CA TYR A 304 -5.45 -2.15 -0.81
C TYR A 304 -5.65 -3.67 -1.12
N PRO A 305 -5.98 -4.54 -0.14
CA PRO A 305 -6.20 -5.93 -0.58
C PRO A 305 -7.28 -6.02 -1.65
N TYR A 306 -8.34 -5.24 -1.52
CA TYR A 306 -9.38 -5.23 -2.50
C TYR A 306 -9.02 -4.49 -3.77
N MET A 307 -8.26 -3.41 -3.62
CA MET A 307 -7.79 -2.70 -4.83
C MET A 307 -6.89 -3.57 -5.69
N TYR A 308 -5.98 -4.29 -5.04
CA TYR A 308 -5.11 -5.19 -5.79
C TYR A 308 -5.95 -6.17 -6.60
N LEU A 309 -6.95 -6.75 -5.94
CA LEU A 309 -7.84 -7.70 -6.65
C LEU A 309 -8.61 -7.04 -7.81
N ALA A 310 -9.19 -5.86 -7.52
CA ALA A 310 -9.91 -5.12 -8.56
C ALA A 310 -9.02 -4.83 -9.75
N GLY A 311 -7.77 -4.39 -9.48
CA GLY A 311 -6.82 -4.10 -10.58
C GLY A 311 -6.60 -5.30 -11.47
N TYR A 312 -6.43 -6.46 -10.89
CA TYR A 312 -6.25 -7.68 -11.66
C TYR A 312 -7.48 -7.93 -12.53
N HIS A 313 -8.67 -7.88 -11.94
CA HIS A 313 -9.85 -8.10 -12.75
C HIS A 313 -10.03 -7.09 -13.85
N CYS A 314 -9.72 -5.85 -13.54
CA CYS A 314 -9.80 -4.78 -14.50
C CYS A 314 -8.91 -5.07 -15.72
N ARG A 315 -7.67 -5.43 -15.45
CA ARG A 315 -6.71 -5.73 -16.55
C ARG A 315 -7.14 -6.92 -17.35
N ASN A 316 -7.88 -7.82 -16.72
CA ASN A 316 -8.34 -9.04 -17.35
C ASN A 316 -9.76 -8.86 -17.90
N ARG A 317 -10.31 -7.64 -17.77
CA ARG A 317 -11.67 -7.29 -18.23
C ARG A 317 -12.73 -8.22 -17.65
N ASN A 318 -12.58 -8.56 -16.37
CA ASN A 318 -13.61 -9.24 -15.65
C ASN A 318 -14.38 -8.06 -14.96
N VAL A 319 -15.25 -7.35 -15.70
CA VAL A 319 -15.91 -6.12 -15.20
C VAL A 319 -16.71 -6.45 -13.98
N ARG A 320 -17.51 -7.53 -13.94
N ARG A 320 -17.48 -7.50 -14.04
CA ARG A 320 -18.29 -7.88 -12.72
CA ARG A 320 -18.21 -7.90 -12.91
C ARG A 320 -17.40 -8.01 -11.50
C ARG A 320 -17.41 -8.01 -11.59
N GLU A 321 -16.33 -8.76 -11.65
CA GLU A 321 -15.49 -9.05 -10.49
C GLU A 321 -14.66 -7.80 -10.09
N ALA A 322 -14.33 -6.94 -11.06
CA ALA A 322 -13.65 -5.66 -10.72
C ALA A 322 -14.58 -4.78 -9.96
N LEU A 323 -15.82 -4.63 -10.45
CA LEU A 323 -16.79 -3.81 -9.77
C LEU A 323 -17.05 -4.36 -8.36
N GLN A 324 -17.19 -5.69 -8.21
CA GLN A 324 -17.39 -6.27 -6.90
C GLN A 324 -16.24 -5.88 -5.96
N ALA A 325 -15.01 -5.97 -6.43
CA ALA A 325 -13.87 -5.67 -5.59
C ALA A 325 -13.75 -4.18 -5.26
N TRP A 326 -14.06 -3.30 -6.20
CA TRP A 326 -14.13 -1.85 -5.84
C TRP A 326 -15.26 -1.58 -4.88
N ALA A 327 -16.40 -2.27 -5.03
CA ALA A 327 -17.46 -2.11 -4.01
C ALA A 327 -16.97 -2.51 -2.65
N ASP A 328 -16.22 -3.60 -2.59
CA ASP A 328 -15.63 -4.05 -1.33
C ASP A 328 -14.63 -3.03 -0.78
N THR A 329 -13.86 -2.33 -1.63
CA THR A 329 -12.96 -1.29 -1.16
C THR A 329 -13.78 -0.20 -0.45
N ALA A 330 -14.90 0.17 -1.08
CA ALA A 330 -15.77 1.21 -0.52
C ALA A 330 -16.41 0.80 0.78
N THR A 331 -16.70 -0.50 0.89
CA THR A 331 -17.29 -1.03 2.09
C THR A 331 -16.30 -0.96 3.27
N VAL A 332 -15.02 -1.01 3.01
CA VAL A 332 -14.02 -0.75 4.04
C VAL A 332 -13.93 0.72 4.37
N ILE A 333 -13.81 1.58 3.35
CA ILE A 333 -13.54 3.00 3.62
C ILE A 333 -14.72 3.64 4.33
N GLN A 334 -15.93 3.07 4.19
CA GLN A 334 -17.11 3.74 4.73
C GLN A 334 -17.03 3.97 6.27
N ASP A 335 -16.27 3.15 6.98
CA ASP A 335 -16.12 3.26 8.41
C ASP A 335 -14.93 4.04 8.89
N TYR A 336 -14.35 4.86 7.99
CA TYR A 336 -13.31 5.82 8.30
C TYR A 336 -13.86 7.24 8.23
N ASN A 337 -13.16 8.15 8.85
CA ASN A 337 -13.37 9.58 8.65
C ASN A 337 -12.30 10.10 7.71
N TYR A 338 -12.69 10.85 6.69
CA TYR A 338 -11.74 11.39 5.72
C TYR A 338 -11.00 12.54 6.31
N CYS A 339 -9.73 12.38 6.54
CA CYS A 339 -8.97 13.36 7.27
C CYS A 339 -7.86 13.94 6.42
N ARG A 340 -7.32 15.03 6.91
CA ARG A 340 -6.20 15.63 6.30
C ARG A 340 -5.11 14.59 6.47
N GLU A 341 -4.39 14.37 5.37
CA GLU A 341 -3.30 13.42 5.27
C GLU A 341 -3.77 12.06 4.79
N ASP A 342 -5.04 11.85 4.54
CA ASP A 342 -5.58 10.80 3.70
C ASP A 342 -5.60 10.99 2.21
N GLU A 343 -4.80 11.86 1.60
N GLU A 343 -4.83 11.89 1.62
CA GLU A 343 -5.08 12.36 0.26
CA GLU A 343 -5.11 12.39 0.28
C GLU A 343 -4.78 11.30 -0.80
C GLU A 343 -4.82 11.32 -0.78
N GLU A 344 -3.96 10.32 -0.42
N GLU A 344 -3.98 10.35 -0.42
CA GLU A 344 -3.59 9.24 -1.35
CA GLU A 344 -3.62 9.29 -1.36
C GLU A 344 -4.76 8.31 -1.61
C GLU A 344 -4.80 8.37 -1.63
N ILE A 345 -5.55 8.02 -0.58
CA ILE A 345 -6.69 7.12 -0.80
C ILE A 345 -7.84 7.86 -1.48
N TYR A 346 -8.01 9.17 -1.20
CA TYR A 346 -8.96 9.97 -1.99
C TYR A 346 -8.59 9.94 -3.47
N LYS A 347 -7.33 10.07 -3.80
CA LYS A 347 -6.89 10.02 -5.19
C LYS A 347 -7.19 8.66 -5.80
N GLU A 348 -6.96 7.60 -5.05
CA GLU A 348 -7.25 6.26 -5.55
C GLU A 348 -8.73 6.08 -5.90
N PHE A 349 -9.57 6.46 -4.95
CA PHE A 349 -11.03 6.37 -5.19
C PHE A 349 -11.47 7.28 -6.36
N PHE A 350 -10.90 8.48 -6.42
CA PHE A 350 -11.26 9.44 -7.48
C PHE A 350 -10.93 8.83 -8.86
N GLU A 351 -9.75 8.24 -9.00
N GLU A 351 -9.75 8.24 -8.99
CA GLU A 351 -9.34 7.71 -10.27
CA GLU A 351 -9.30 7.71 -10.26
C GLU A 351 -10.23 6.53 -10.66
C GLU A 351 -10.16 6.49 -10.66
N VAL A 352 -10.62 5.69 -9.69
CA VAL A 352 -11.47 4.56 -9.99
C VAL A 352 -12.82 5.03 -10.47
N ALA A 353 -13.41 5.95 -9.73
CA ALA A 353 -14.74 6.42 -10.05
C ALA A 353 -14.82 7.22 -11.34
N ASN A 354 -13.78 8.04 -11.55
CA ASN A 354 -13.84 9.08 -12.56
C ASN A 354 -13.03 8.85 -13.81
N ASP A 355 -12.26 7.77 -13.82
CA ASP A 355 -11.43 7.39 -14.96
C ASP A 355 -11.55 5.89 -15.26
N VAL A 356 -11.25 5.05 -14.28
CA VAL A 356 -11.18 3.61 -14.59
C VAL A 356 -12.53 3.01 -14.88
N ILE A 357 -13.49 3.23 -14.00
CA ILE A 357 -14.80 2.65 -14.20
C ILE A 357 -15.43 3.21 -15.54
N PRO A 358 -15.34 4.53 -15.75
CA PRO A 358 -15.89 5.04 -17.02
C PRO A 358 -15.29 4.35 -18.28
N ASN A 359 -14.00 4.17 -18.28
CA ASN A 359 -13.29 3.55 -19.46
C ASN A 359 -13.78 2.14 -19.60
N LEU A 360 -13.87 1.43 -18.49
CA LEU A 360 -14.32 0.02 -18.53
C LEU A 360 -15.74 -0.08 -19.07
N LEU A 361 -16.65 0.78 -18.57
CA LEU A 361 -18.04 0.72 -18.99
C LEU A 361 -18.23 1.21 -20.42
N LYS A 362 -17.38 2.12 -20.85
CA LYS A 362 -17.36 2.58 -22.26
C LYS A 362 -17.07 1.42 -23.20
N GLU A 363 -16.03 0.66 -22.88
CA GLU A 363 -15.74 -0.52 -23.69
C GLU A 363 -16.87 -1.55 -23.60
N ALA A 364 -17.36 -1.77 -22.41
CA ALA A 364 -18.46 -2.73 -22.26
C ALA A 364 -19.64 -2.29 -23.13
N ALA A 365 -19.93 -0.98 -23.21
CA ALA A 365 -21.03 -0.51 -24.01
C ALA A 365 -20.81 -0.80 -25.50
N SER A 366 -19.58 -0.61 -25.97
CA SER A 366 -19.31 -0.89 -27.37
C SER A 366 -19.44 -2.38 -27.67
N LEU A 367 -19.01 -3.20 -26.71
CA LEU A 367 -19.08 -4.66 -26.87
C LEU A 367 -20.52 -5.16 -26.83
N LEU A 368 -21.33 -4.49 -26.02
CA LEU A 368 -22.77 -4.78 -25.97
C LEU A 368 -23.44 -4.46 -27.29
N GLU A 369 -23.09 -3.34 -27.90
CA GLU A 369 -23.58 -2.95 -29.23
C GLU A 369 -23.23 -4.02 -30.24
N ALA A 370 -22.05 -4.65 -30.10
CA ALA A 370 -21.61 -5.69 -31.00
C ALA A 370 -22.16 -7.08 -30.62
N GLY A 371 -23.06 -7.14 -29.68
CA GLY A 371 -23.80 -8.38 -29.47
C GLY A 371 -23.29 -9.19 -28.31
N SER A 372 -22.71 -8.60 -27.32
CA SER A 372 -22.07 -9.47 -26.34
C SER A 372 -23.09 -10.08 -25.39
N GLN A 373 -22.79 -11.29 -24.91
CA GLN A 373 -23.69 -11.98 -23.98
C GLN A 373 -23.01 -12.07 -22.64
N GLY A 374 -23.86 -12.09 -21.61
CA GLY A 374 -23.43 -12.06 -20.23
C GLY A 374 -22.73 -10.79 -19.82
N SER A 375 -22.97 -9.71 -20.56
CA SER A 375 -22.36 -8.39 -20.29
C SER A 375 -22.66 -7.92 -18.87
N ALA A 376 -21.66 -7.34 -18.19
CA ALA A 376 -21.88 -6.65 -16.95
C ALA A 376 -23.01 -5.64 -17.09
N LEU A 377 -23.17 -5.02 -18.26
CA LEU A 377 -24.15 -3.95 -18.41
C LEU A 377 -25.56 -4.49 -18.42
N GLN A 378 -25.68 -5.79 -18.63
CA GLN A 378 -27.00 -6.45 -18.52
C GLN A 378 -27.18 -7.21 -17.24
N ASP A 379 -26.27 -7.06 -16.29
CA ASP A 379 -26.30 -7.84 -15.06
C ASP A 379 -26.67 -6.91 -13.93
N PRO A 380 -27.89 -7.03 -13.39
CA PRO A 380 -28.21 -6.20 -12.26
C PRO A 380 -27.26 -6.31 -11.03
N GLU A 381 -26.62 -7.44 -10.81
N GLU A 381 -26.58 -7.44 -10.86
CA GLU A 381 -25.67 -7.51 -9.70
CA GLU A 381 -25.56 -7.56 -9.79
C GLU A 381 -24.43 -6.62 -9.96
C GLU A 381 -24.47 -6.54 -9.96
N CYS A 382 -24.08 -6.31 -11.21
CA CYS A 382 -23.03 -5.40 -11.53
C CYS A 382 -23.49 -3.97 -11.24
N PHE A 383 -24.73 -3.66 -11.58
CA PHE A 383 -25.28 -2.34 -11.20
C PHE A 383 -25.28 -2.20 -9.68
N ALA A 384 -25.66 -3.25 -8.96
CA ALA A 384 -25.61 -3.21 -7.53
C ALA A 384 -24.20 -2.94 -6.98
N HIS A 385 -23.18 -3.53 -7.61
CA HIS A 385 -21.82 -3.24 -7.18
C HIS A 385 -21.45 -1.77 -7.35
N LEU A 386 -21.82 -1.22 -8.51
CA LEU A 386 -21.58 0.18 -8.76
C LEU A 386 -22.23 1.07 -7.71
N LEU A 387 -23.48 0.72 -7.39
CA LEU A 387 -24.19 1.50 -6.36
C LEU A 387 -23.51 1.33 -5.01
N ARG A 388 -23.06 0.12 -4.65
CA ARG A 388 -22.43 -0.10 -3.34
C ARG A 388 -21.10 0.65 -3.23
N PHE A 389 -20.41 0.78 -4.35
CA PHE A 389 -19.19 1.55 -4.40
C PHE A 389 -19.48 3.01 -4.07
N TYR A 390 -20.47 3.62 -4.72
CA TYR A 390 -20.80 5.01 -4.39
C TYR A 390 -21.33 5.11 -2.98
N ASP A 391 -22.11 4.14 -2.53
CA ASP A 391 -22.62 4.21 -1.17
C ASP A 391 -21.53 4.26 -0.13
N GLY A 392 -20.49 3.43 -0.30
CA GLY A 392 -19.38 3.44 0.66
C GLY A 392 -18.64 4.78 0.68
N ILE A 393 -18.52 5.39 -0.47
CA ILE A 393 -17.83 6.67 -0.57
C ILE A 393 -18.69 7.74 0.11
N CYS A 394 -19.98 7.74 -0.13
CA CYS A 394 -20.85 8.68 0.52
C CYS A 394 -20.85 8.49 2.06
N LYS A 395 -20.85 7.25 2.52
CA LYS A 395 -20.84 6.97 3.94
C LYS A 395 -19.51 7.44 4.58
N TRP A 396 -18.40 7.18 3.90
CA TRP A 396 -17.06 7.68 4.30
C TRP A 396 -17.13 9.15 4.66
N GLU A 397 -17.74 9.91 3.75
CA GLU A 397 -17.87 11.35 3.89
C GLU A 397 -18.64 11.79 5.13
N GLU A 398 -19.61 10.97 5.54
CA GLU A 398 -20.45 11.36 6.67
C GLU A 398 -19.63 11.45 7.95
N GLY A 399 -19.73 12.58 8.61
CA GLY A 399 -18.98 12.75 9.85
C GLY A 399 -17.50 13.11 9.70
N SER A 400 -17.04 13.24 8.46
CA SER A 400 -15.63 13.55 8.24
C SER A 400 -15.43 15.04 8.34
N PRO A 401 -14.19 15.46 8.69
CA PRO A 401 -13.95 16.91 8.92
C PRO A 401 -13.89 17.72 7.62
N THR A 402 -13.77 17.07 6.49
CA THR A 402 -13.58 17.53 5.15
C THR A 402 -14.43 16.65 4.20
N PRO A 403 -15.25 17.33 3.34
CA PRO A 403 -16.04 16.55 2.38
C PRO A 403 -15.22 15.78 1.35
N VAL A 404 -15.90 14.86 0.71
CA VAL A 404 -15.30 13.99 -0.35
C VAL A 404 -15.86 14.30 -1.73
N LEU A 405 -17.17 14.35 -1.83
CA LEU A 405 -17.83 14.47 -3.10
C LEU A 405 -17.96 15.90 -3.50
N HIS A 406 -17.94 16.06 -4.80
CA HIS A 406 -18.17 17.33 -5.42
C HIS A 406 -18.78 17.12 -6.84
N VAL A 407 -19.16 18.25 -7.48
CA VAL A 407 -19.88 18.11 -8.74
C VAL A 407 -19.10 17.42 -9.85
N GLY A 408 -17.79 17.47 -9.73
CA GLY A 408 -16.91 16.73 -10.65
C GLY A 408 -17.05 15.26 -10.62
N TRP A 409 -17.49 14.71 -9.51
CA TRP A 409 -17.83 13.34 -9.39
C TRP A 409 -19.22 13.08 -9.99
N ALA A 410 -20.09 14.04 -9.85
CA ALA A 410 -21.48 13.86 -10.31
C ALA A 410 -21.60 13.58 -11.80
N THR A 411 -20.84 14.24 -12.63
CA THR A 411 -20.91 14.01 -14.04
C THR A 411 -20.60 12.56 -14.42
N PHE A 412 -19.59 11.99 -13.78
CA PHE A 412 -19.22 10.60 -14.02
C PHE A 412 -20.24 9.64 -13.45
N LEU A 413 -20.76 9.89 -12.28
CA LEU A 413 -21.86 9.06 -11.75
C LEU A 413 -22.99 8.98 -12.73
N VAL A 414 -23.44 10.11 -13.25
CA VAL A 414 -24.59 10.13 -14.15
C VAL A 414 -24.25 9.31 -15.41
N GLN A 415 -23.04 9.45 -15.91
CA GLN A 415 -22.66 8.78 -17.14
C GLN A 415 -22.64 7.27 -16.85
N SER A 416 -22.04 6.88 -15.74
CA SER A 416 -21.94 5.47 -15.40
C SER A 416 -23.26 4.81 -15.17
N LEU A 417 -24.14 5.47 -14.42
CA LEU A 417 -25.47 4.95 -14.24
C LEU A 417 -26.20 4.70 -15.58
N GLY A 418 -26.03 5.65 -16.48
CA GLY A 418 -26.75 5.60 -17.76
C GLY A 418 -26.23 4.52 -18.72
N ARG A 419 -25.09 3.93 -18.41
CA ARG A 419 -24.53 2.81 -19.19
C ARG A 419 -25.34 1.57 -19.01
N PHE A 420 -26.08 1.51 -17.91
CA PHE A 420 -27.05 0.42 -17.69
C PHE A 420 -28.47 0.83 -18.13
N GLU A 421 -29.15 -0.01 -18.91
CA GLU A 421 -30.48 0.32 -19.34
C GLU A 421 -31.40 0.30 -18.13
N GLY A 422 -32.51 1.06 -18.22
CA GLY A 422 -33.47 1.12 -17.16
C GLY A 422 -33.99 -0.22 -16.73
N GLN A 423 -34.23 -1.14 -17.69
CA GLN A 423 -34.71 -2.47 -17.37
C GLN A 423 -33.74 -3.31 -16.54
N VAL A 424 -32.46 -3.00 -16.63
CA VAL A 424 -31.48 -3.62 -15.80
C VAL A 424 -31.43 -3.01 -14.44
N ARG A 425 -31.40 -1.69 -14.38
CA ARG A 425 -31.35 -0.99 -13.10
C ARG A 425 -32.59 -1.28 -12.24
N GLN A 426 -33.73 -1.41 -12.89
CA GLN A 426 -34.99 -1.75 -12.18
CA GLN A 426 -34.99 -1.74 -12.19
C GLN A 426 -34.91 -3.04 -11.38
N LYS A 427 -34.05 -3.98 -11.78
CA LYS A 427 -33.99 -5.27 -11.12
C LYS A 427 -33.23 -5.29 -9.81
N VAL A 428 -32.55 -4.22 -9.46
CA VAL A 428 -31.93 -4.17 -8.12
C VAL A 428 -32.95 -3.73 -7.10
N ARG A 429 -33.12 -4.53 -6.04
CA ARG A 429 -34.03 -4.17 -4.93
C ARG A 429 -33.21 -3.48 -3.86
N ILE A 430 -33.57 -2.27 -3.55
CA ILE A 430 -32.87 -1.52 -2.53
C ILE A 430 -33.73 -1.67 -1.28
N VAL A 431 -33.17 -2.41 -0.31
CA VAL A 431 -33.88 -2.69 0.95
C VAL A 431 -33.36 -1.79 2.07
N SER A 432 -34.29 -1.42 2.94
CA SER A 432 -34.05 -0.60 4.08
C SER A 432 -33.64 -1.43 5.28
N VAL A 433 -32.78 -0.83 6.11
CA VAL A 433 -32.58 -1.25 7.50
C VAL A 433 -33.42 -0.28 8.35
N PRO A 434 -34.48 -0.76 9.01
CA PRO A 434 -34.99 -2.13 9.01
C PRO A 434 -35.87 -2.38 7.79
C GLY A 444 -31.70 -10.44 -6.70
N PRO A 445 -31.07 -9.39 -7.24
CA PRO A 445 -30.09 -8.64 -6.44
C PRO A 445 -30.75 -7.74 -5.42
N VAL A 446 -30.12 -7.67 -4.25
CA VAL A 446 -30.65 -6.84 -3.20
C VAL A 446 -29.47 -6.11 -2.60
N LEU A 447 -29.73 -4.89 -2.18
CA LEU A 447 -28.67 -4.06 -1.70
C LEU A 447 -29.26 -3.21 -0.59
N THR A 448 -28.50 -2.97 0.48
CA THR A 448 -28.91 -2.01 1.52
C THR A 448 -27.91 -0.86 1.45
N PHE A 449 -28.43 0.33 1.43
CA PHE A 449 -27.56 1.49 1.49
C PHE A 449 -27.28 1.89 2.92
N GLN A 450 -26.06 2.27 3.20
CA GLN A 450 -25.64 2.75 4.52
C GLN A 450 -25.66 4.25 4.54
N SER A 451 -25.44 4.90 3.38
CA SER A 451 -25.34 6.37 3.32
C SER A 451 -26.65 7.04 3.08
N GLU A 452 -26.86 8.18 3.75
CA GLU A 452 -28.06 8.96 3.49
C GLU A 452 -28.12 9.48 2.05
N LYS A 453 -26.96 9.88 1.48
CA LYS A 453 -27.00 10.36 0.11
C LYS A 453 -27.58 9.28 -0.82
N MET A 454 -27.12 8.03 -0.73
CA MET A 454 -27.66 7.09 -1.69
C MET A 454 -29.11 6.71 -1.37
N LYS A 455 -29.49 6.67 -0.09
CA LYS A 455 -30.90 6.39 0.23
C LYS A 455 -31.80 7.42 -0.43
N GLY A 456 -31.40 8.69 -0.43
CA GLY A 456 -32.21 9.65 -1.11
C GLY A 456 -32.17 9.61 -2.62
N MET A 457 -31.22 8.89 -3.17
CA MET A 457 -31.04 8.81 -4.61
C MET A 457 -31.85 7.66 -5.19
N LYS A 458 -32.33 6.81 -4.32
CA LYS A 458 -33.12 5.66 -4.72
C LYS A 458 -34.25 5.93 -5.72
N GLU A 459 -34.79 7.07 -5.50
N GLU A 459 -35.27 6.81 -5.79
CA GLU A 459 -35.94 7.52 -6.28
CA GLU A 459 -36.16 6.78 -6.95
C GLU A 459 -35.57 7.68 -7.75
C GLU A 459 -35.46 7.29 -8.21
N LEU A 460 -34.31 7.92 -8.02
CA LEU A 460 -33.94 8.35 -9.37
C LEU A 460 -33.15 7.28 -10.11
N LEU A 461 -32.76 6.23 -9.39
CA LEU A 461 -31.88 5.21 -9.95
C LEU A 461 -32.52 4.33 -10.97
N VAL A 462 -33.86 4.36 -11.13
CA VAL A 462 -34.54 3.39 -12.07
C VAL A 462 -35.34 3.97 -13.26
N ALA A 463 -35.34 5.28 -13.39
CA ALA A 463 -36.00 5.99 -14.49
C ALA A 463 -35.29 5.66 -15.77
N THR A 464 -36.04 5.61 -16.87
CA THR A 464 -35.47 5.25 -18.17
C THR A 464 -34.35 6.19 -18.57
N LYS A 465 -34.62 7.48 -18.39
CA LYS A 465 -33.66 8.55 -18.60
C LYS A 465 -33.37 9.08 -17.21
N ILE A 466 -32.11 8.98 -16.83
CA ILE A 466 -31.61 9.43 -15.53
C ILE A 466 -31.80 10.93 -15.46
N ASN A 467 -32.35 11.44 -14.35
CA ASN A 467 -32.51 12.86 -14.16
C ASN A 467 -31.18 13.38 -13.64
N SER A 468 -30.34 13.83 -14.54
CA SER A 468 -28.99 14.28 -14.26
C SER A 468 -28.89 15.41 -13.23
N SER A 469 -29.74 16.41 -13.36
N SER A 469 -29.73 16.43 -13.37
CA SER A 469 -29.66 17.54 -12.45
CA SER A 469 -29.69 17.56 -12.44
C SER A 469 -30.05 17.10 -11.03
C SER A 469 -30.03 17.09 -11.03
N ALA A 470 -31.04 16.23 -10.92
CA ALA A 470 -31.47 15.76 -9.60
C ALA A 470 -30.39 14.91 -8.95
N ILE A 471 -29.77 14.03 -9.73
CA ILE A 471 -28.62 13.25 -9.24
C ILE A 471 -27.50 14.12 -8.74
N LYS A 472 -27.12 15.15 -9.50
CA LYS A 472 -26.10 16.09 -9.06
C LYS A 472 -26.47 16.74 -7.74
N LEU A 473 -27.70 17.20 -7.62
CA LEU A 473 -28.11 17.79 -6.38
C LEU A 473 -28.01 16.82 -5.19
N GLN A 474 -28.42 15.59 -5.39
CA GLN A 474 -28.37 14.64 -4.30
C GLN A 474 -26.96 14.21 -3.94
N LEU A 475 -26.06 14.08 -4.91
CA LEU A 475 -24.74 13.62 -4.57
C LEU A 475 -23.91 14.70 -3.89
N THR A 476 -24.19 15.95 -4.17
CA THR A 476 -23.33 17.04 -3.69
C THR A 476 -23.97 17.91 -2.67
N ALA A 477 -25.24 17.63 -2.49
CA ALA A 477 -26.15 18.23 -1.56
C ALA A 477 -26.12 19.79 -1.62
N GLN A 478 -25.72 20.20 -2.85
CA GLN A 478 -25.89 21.50 -3.47
C GLN A 478 -27.36 21.61 -3.47
N SER A 479 -27.86 22.70 -2.95
CA SER A 479 -29.27 22.65 -2.72
C SER A 479 -30.08 23.51 -3.59
N GLN A 480 -29.43 24.37 -4.38
CA GLN A 480 -30.13 25.33 -5.21
C GLN A 480 -29.73 25.13 -6.65
N VAL A 481 -30.61 25.56 -7.56
CA VAL A 481 -30.32 25.59 -9.01
C VAL A 481 -30.13 27.07 -9.42
N GLN A 482 -29.64 27.29 -10.64
CA GLN A 482 -29.31 28.62 -11.16
C GLN A 482 -30.54 29.51 -11.07
N MET A 483 -30.30 30.77 -10.71
CA MET A 483 -31.35 31.75 -10.53
C MET A 483 -32.12 32.05 -11.83
N LYS A 484 -31.45 32.56 -12.84
CA LYS A 484 -32.08 32.86 -14.14
C LYS A 484 -32.35 31.59 -15.00
#